data_9JWX
#
_entry.id   9JWX
#
_cell.length_a   103.180
_cell.length_b   103.180
_cell.length_c   133.350
_cell.angle_alpha   90.00
_cell.angle_beta   90.00
_cell.angle_gamma   90.00
#
_symmetry.space_group_name_H-M   'P 41 21 2'
#
loop_
_entity.id
_entity.type
_entity.pdbx_description
1 polymer 'Cysteine desulfurase IscS'
2 non-polymer 'ISOPROPYL ALCOHOL'
3 non-polymer 'CHLORIDE ION'
4 water water
#
_entity_poly.entity_id   1
_entity_poly.type   'polypeptide(L)'
_entity_poly.pdbx_seq_one_letter_code
;MVQRIYLDNNATTRIDPKVKEIMDPFLRDHYGNPSSLHQFGTETHPAIAEALDKLYKGINARDIDDVIITSCATESNNWV
LKGVYFDECLKKGKNHIVTTVAEHPAVRSTCNFLESLGVEVTYLPINEHGSITAEQVREAITEKTALVSVMWANNETGLI
FPIEEIGAICKEKGVLFHTDAVQAIGKIPVDVLKANADFLSFSAH(LLP)FHGPKGIGGLYIRSGVGLTPLFHGGEHMNG
RRSGTLNVPYIVGMGEAMKLAVEHLDYEKEVVGKLRDKLEEALLKIPDVMVVGDRIHRVPNTTLVSVRGIEGEAMLWDLN
RSNIAASTGSACASEDLEANPVMVAIGASKELAHTAIRLSLSRFNTEAEIDKTIEVFSQAAVRLRNISSSYVDLVPRGSH
HHHHH
;
_entity_poly.pdbx_strand_id   A
#
loop_
_chem_comp.id
_chem_comp.type
_chem_comp.name
_chem_comp.formula
CL non-polymer 'CHLORIDE ION' 'Cl -1'
IPA non-polymer 'ISOPROPYL ALCOHOL' 'C3 H8 O'
#
# COMPACT_ATOMS: atom_id res chain seq x y z
N VAL A 2 -8.21 19.53 23.98
CA VAL A 2 -8.68 18.32 23.24
C VAL A 2 -7.53 17.37 22.94
N GLN A 3 -7.84 16.07 23.04
CA GLN A 3 -6.93 15.00 22.62
C GLN A 3 -7.65 14.05 21.69
N ARG A 4 -7.20 13.96 20.43
CA ARG A 4 -7.89 13.17 19.43
C ARG A 4 -7.09 11.88 19.35
N ILE A 5 -7.75 10.84 18.86
CA ILE A 5 -7.15 9.52 18.66
C ILE A 5 -7.33 9.12 17.20
N TYR A 6 -6.18 8.77 16.56
CA TYR A 6 -6.17 8.52 15.12
C TYR A 6 -5.98 7.03 14.84
N LEU A 7 -7.01 6.41 14.24
CA LEU A 7 -7.01 4.99 13.96
C LEU A 7 -7.37 4.74 12.50
N ASP A 8 -6.77 5.55 11.63
CA ASP A 8 -7.11 5.44 10.23
C ASP A 8 -5.86 5.34 9.36
N ASN A 9 -4.91 4.47 9.75
CA ASN A 9 -3.57 4.60 9.24
C ASN A 9 -3.50 3.95 7.87
N ASN A 10 -4.48 3.08 7.56
CA ASN A 10 -4.46 2.44 6.25
C ASN A 10 -5.06 3.40 5.23
N ALA A 11 -5.52 4.55 5.71
CA ALA A 11 -6.06 5.61 4.87
C ALA A 11 -5.01 6.67 4.59
N THR A 12 -4.20 6.99 5.60
CA THR A 12 -3.04 7.86 5.45
C THR A 12 -2.39 7.95 6.83
N THR A 13 -1.19 8.53 6.91
CA THR A 13 -0.48 8.42 8.18
C THR A 13 0.07 9.80 8.51
N ARG A 14 0.37 10.03 9.79
CA ARG A 14 1.10 11.21 10.19
C ARG A 14 2.49 11.16 9.56
N ILE A 15 2.98 12.30 9.03
CA ILE A 15 4.39 12.43 8.67
C ILE A 15 5.27 12.33 9.93
N ASP A 16 6.37 11.55 9.90
CA ASP A 16 7.22 11.42 11.07
C ASP A 16 7.98 12.72 11.25
N PRO A 17 8.12 13.23 12.49
CA PRO A 17 8.84 14.49 12.69
C PRO A 17 10.20 14.44 12.03
N LYS A 18 10.87 13.26 12.10
CA LYS A 18 12.18 13.13 11.50
C LYS A 18 12.10 13.37 9.99
N VAL A 19 11.07 12.83 9.36
CA VAL A 19 10.86 13.00 7.93
C VAL A 19 10.73 14.48 7.57
N LYS A 20 9.93 15.17 8.38
CA LYS A 20 9.67 16.59 8.21
C LYS A 20 10.99 17.37 8.29
N GLU A 21 11.77 17.01 9.31
CA GLU A 21 13.05 17.66 9.57
C GLU A 21 13.98 17.48 8.36
N ILE A 22 14.01 16.24 7.85
CA ILE A 22 14.89 15.93 6.75
C ILE A 22 14.47 16.70 5.50
N MET A 23 13.15 16.85 5.28
CA MET A 23 12.69 17.57 4.12
C MET A 23 13.01 19.06 4.23
N ASP A 24 13.05 19.66 5.45
CA ASP A 24 12.95 21.11 5.56
C ASP A 24 13.96 21.86 4.68
N PRO A 25 15.26 21.53 4.67
CA PRO A 25 16.21 22.38 3.95
C PRO A 25 15.99 22.40 2.44
N PHE A 26 15.22 21.42 1.93
CA PHE A 26 14.90 21.37 0.51
C PHE A 26 13.71 22.25 0.15
N LEU A 27 12.97 22.71 1.16
CA LEU A 27 11.91 23.69 1.02
C LEU A 27 12.46 25.12 1.16
N ARG A 28 13.67 25.24 1.72
CA ARG A 28 14.31 26.50 2.07
C ARG A 28 15.49 26.84 1.14
N ASP A 29 16.68 26.25 1.31
CA ASP A 29 17.82 26.86 0.63
C ASP A 29 18.39 26.04 -0.52
N HIS A 30 18.15 24.73 -0.50
CA HIS A 30 18.63 23.83 -1.51
C HIS A 30 17.50 23.60 -2.49
N TYR A 31 17.26 24.59 -3.34
CA TYR A 31 16.03 24.53 -4.08
C TYR A 31 16.33 24.33 -5.56
N GLY A 32 17.56 23.96 -5.87
CA GLY A 32 17.97 23.96 -7.26
C GLY A 32 17.46 22.71 -7.96
N ASN A 33 17.38 22.80 -9.30
CA ASN A 33 16.87 21.69 -10.08
C ASN A 33 17.96 20.62 -10.26
N PRO A 34 17.82 19.39 -9.72
CA PRO A 34 18.82 18.34 -9.88
C PRO A 34 19.35 18.06 -11.29
N SER A 35 18.60 18.42 -12.33
CA SER A 35 19.10 18.35 -13.68
C SER A 35 20.05 19.49 -14.05
N SER A 36 20.01 20.66 -13.39
CA SER A 36 20.88 21.78 -13.72
C SER A 36 22.34 21.33 -13.58
N LEU A 37 23.26 21.98 -14.33
CA LEU A 37 24.68 21.61 -14.26
C LEU A 37 25.39 22.29 -13.09
N HIS A 38 24.96 23.48 -12.73
CA HIS A 38 25.62 24.33 -11.75
C HIS A 38 25.42 23.83 -10.32
N GLN A 39 25.93 24.63 -9.37
CA GLN A 39 26.09 24.22 -8.00
C GLN A 39 24.75 23.88 -7.33
N PHE A 40 23.62 24.42 -7.81
CA PHE A 40 22.36 24.13 -7.10
C PHE A 40 21.98 22.65 -7.33
N GLY A 41 21.99 22.32 -8.63
CA GLY A 41 21.58 20.99 -9.07
C GLY A 41 22.51 19.93 -8.47
N THR A 42 23.80 20.21 -8.57
CA THR A 42 24.80 19.26 -8.09
C THR A 42 24.67 19.08 -6.58
N GLU A 43 24.50 20.23 -5.89
CA GLU A 43 24.31 20.25 -4.45
C GLU A 43 23.23 19.26 -4.02
N THR A 44 22.23 19.03 -4.86
CA THR A 44 21.12 18.19 -4.50
C THR A 44 21.52 16.72 -4.57
N HIS A 45 22.64 16.34 -5.22
CA HIS A 45 22.86 14.96 -5.63
C HIS A 45 22.95 14.00 -4.45
N PRO A 46 23.90 14.25 -3.51
CA PRO A 46 24.19 13.34 -2.42
C PRO A 46 22.94 12.93 -1.65
N ALA A 47 22.11 13.93 -1.32
CA ALA A 47 20.90 13.70 -0.55
C ALA A 47 19.96 12.73 -1.30
N ILE A 48 19.84 13.02 -2.61
CA ILE A 48 19.00 12.22 -3.50
C ILE A 48 19.49 10.78 -3.52
N ALA A 49 20.80 10.63 -3.65
CA ALA A 49 21.45 9.33 -3.69
C ALA A 49 21.15 8.54 -2.43
N GLU A 50 21.28 9.24 -1.29
CA GLU A 50 21.05 8.63 0.01
C GLU A 50 19.61 8.11 0.10
N ALA A 51 18.69 8.96 -0.36
CA ALA A 51 17.27 8.64 -0.37
C ALA A 51 17.01 7.36 -1.16
N LEU A 52 17.63 7.34 -2.35
CA LEU A 52 17.46 6.23 -3.26
C LEU A 52 17.99 4.95 -2.62
N ASP A 53 19.14 5.05 -1.96
CA ASP A 53 19.77 3.93 -1.29
C ASP A 53 18.84 3.36 -0.23
N LYS A 54 18.25 4.29 0.54
CA LYS A 54 17.33 3.92 1.62
C LYS A 54 16.15 3.12 1.04
N LEU A 55 15.62 3.65 -0.06
CA LEU A 55 14.48 3.06 -0.75
C LEU A 55 14.81 1.62 -1.17
N TYR A 56 16.00 1.50 -1.76
CA TYR A 56 16.48 0.22 -2.29
C TYR A 56 16.58 -0.80 -1.15
N LYS A 57 17.16 -0.34 -0.03
CA LYS A 57 17.35 -1.21 1.13
C LYS A 57 16.00 -1.67 1.65
N GLY A 58 15.04 -0.74 1.70
CA GLY A 58 13.70 -1.01 2.16
C GLY A 58 13.05 -2.17 1.43
N ILE A 59 13.27 -2.33 0.14
CA ILE A 59 12.54 -3.40 -0.51
C ILE A 59 13.48 -4.51 -0.99
N ASN A 60 14.75 -4.45 -0.56
CA ASN A 60 15.72 -5.47 -0.95
C ASN A 60 15.86 -5.53 -2.46
N ALA A 61 15.87 -4.35 -3.09
CA ALA A 61 16.17 -4.26 -4.50
C ALA A 61 17.69 -4.28 -4.68
N ARG A 62 18.16 -4.71 -5.85
CA ARG A 62 19.58 -4.73 -6.19
C ARG A 62 19.95 -3.50 -7.01
N ASP A 63 21.24 -3.10 -6.96
CA ASP A 63 21.87 -2.10 -7.84
C ASP A 63 21.40 -2.17 -9.30
N ILE A 64 21.14 -3.38 -9.78
CA ILE A 64 20.83 -3.70 -11.17
C ILE A 64 19.38 -3.29 -11.47
N ASP A 65 18.58 -3.22 -10.40
CA ASP A 65 17.18 -2.85 -10.52
C ASP A 65 17.01 -1.33 -10.47
N ASP A 66 15.80 -0.96 -10.85
CA ASP A 66 15.26 0.38 -10.75
C ASP A 66 14.19 0.43 -9.65
N VAL A 67 14.27 1.52 -8.88
CA VAL A 67 13.16 1.99 -8.05
C VAL A 67 12.90 3.42 -8.52
N ILE A 68 11.87 3.56 -9.37
CA ILE A 68 11.52 4.83 -9.98
C ILE A 68 10.57 5.61 -9.06
N ILE A 69 10.95 6.87 -8.83
CA ILE A 69 10.14 7.83 -8.10
C ILE A 69 8.94 8.22 -8.96
N THR A 70 7.74 8.08 -8.37
CA THR A 70 6.50 8.57 -8.95
C THR A 70 5.77 9.53 -8.03
N SER A 71 4.60 10.00 -8.49
CA SER A 71 3.84 10.98 -7.73
C SER A 71 2.92 10.26 -6.74
N CYS A 72 2.75 8.93 -6.84
CA CYS A 72 1.86 8.19 -5.96
C CYS A 72 1.79 6.74 -6.47
N ALA A 73 1.24 5.84 -5.64
CA ALA A 73 1.06 4.46 -6.02
C ALA A 73 -0.01 4.31 -7.08
N THR A 74 -1.04 5.18 -7.08
CA THR A 74 -2.03 5.20 -8.15
C THR A 74 -1.32 5.33 -9.51
N GLU A 75 -0.37 6.30 -9.53
CA GLU A 75 0.44 6.57 -10.71
C GLU A 75 1.16 5.29 -11.17
N SER A 76 1.78 4.64 -10.17
CA SER A 76 2.58 3.45 -10.39
C SER A 76 1.72 2.36 -11.03
N ASN A 77 0.53 2.19 -10.45
CA ASN A 77 -0.43 1.18 -10.89
C ASN A 77 -0.78 1.41 -12.36
N ASN A 78 -1.08 2.69 -12.64
CA ASN A 78 -1.48 3.07 -13.99
C ASN A 78 -0.36 2.75 -14.98
N TRP A 79 0.87 3.10 -14.57
CA TRP A 79 2.05 2.92 -15.39
C TRP A 79 2.22 1.43 -15.71
N VAL A 80 2.04 0.60 -14.68
CA VAL A 80 2.26 -0.84 -14.84
C VAL A 80 1.23 -1.32 -15.86
N LEU A 81 -0.04 -0.93 -15.65
CA LEU A 81 -1.08 -1.61 -16.41
C LEU A 81 -1.02 -1.16 -17.89
N LYS A 82 -0.96 0.16 -18.03
CA LYS A 82 -0.92 0.80 -19.35
C LYS A 82 0.33 0.35 -20.08
N GLY A 83 1.47 0.30 -19.34
CA GLY A 83 2.73 -0.09 -19.94
C GLY A 83 2.64 -1.50 -20.50
N VAL A 84 2.05 -2.38 -19.69
CA VAL A 84 1.98 -3.78 -20.11
C VAL A 84 1.06 -3.91 -21.30
N TYR A 85 -0.02 -3.13 -21.34
CA TYR A 85 -0.95 -3.11 -22.48
C TYR A 85 -0.18 -2.73 -23.75
N PHE A 86 0.64 -1.69 -23.63
CA PHE A 86 1.38 -1.23 -24.80
C PHE A 86 2.36 -2.32 -25.27
N ASP A 87 3.03 -2.94 -24.30
CA ASP A 87 4.21 -3.69 -24.67
C ASP A 87 3.72 -5.06 -25.09
N GLU A 88 2.89 -5.63 -24.21
CA GLU A 88 2.70 -7.07 -24.16
C GLU A 88 1.33 -7.45 -24.70
N CYS A 89 0.42 -6.48 -24.78
CA CYS A 89 -0.95 -6.79 -25.14
C CYS A 89 -1.20 -6.46 -26.61
N LEU A 90 -0.90 -5.21 -26.98
CA LEU A 90 -1.04 -4.73 -28.34
C LEU A 90 0.04 -5.34 -29.23
N LYS A 91 1.27 -5.42 -28.73
CA LYS A 91 2.40 -5.63 -29.63
C LYS A 91 2.83 -7.09 -29.61
N LYS A 92 2.40 -7.85 -28.60
CA LYS A 92 2.75 -9.27 -28.53
C LYS A 92 1.51 -10.14 -28.38
N GLY A 93 0.33 -9.59 -28.63
CA GLY A 93 -0.91 -10.35 -28.67
C GLY A 93 -1.32 -11.00 -27.35
N LYS A 94 -0.57 -10.79 -26.25
CA LYS A 94 -0.89 -11.41 -24.96
C LYS A 94 -1.98 -10.62 -24.26
N ASN A 95 -3.23 -10.90 -24.61
CA ASN A 95 -4.32 -9.97 -24.38
C ASN A 95 -5.12 -10.33 -23.13
N HIS A 96 -4.44 -10.91 -22.14
CA HIS A 96 -5.06 -11.33 -20.91
C HIS A 96 -4.24 -10.83 -19.71
N ILE A 97 -4.99 -10.32 -18.72
CA ILE A 97 -4.46 -9.95 -17.41
C ILE A 97 -5.30 -10.61 -16.32
N VAL A 98 -4.59 -11.11 -15.29
CA VAL A 98 -5.22 -11.72 -14.12
C VAL A 98 -4.92 -10.96 -12.82
N THR A 99 -6.00 -10.53 -12.16
CA THR A 99 -5.90 -9.81 -10.91
C THR A 99 -6.93 -10.38 -9.95
N THR A 100 -7.13 -9.69 -8.80
CA THR A 100 -8.08 -10.10 -7.77
C THR A 100 -9.17 -9.03 -7.65
N VAL A 101 -10.25 -9.31 -6.91
CA VAL A 101 -11.37 -8.37 -6.80
C VAL A 101 -11.10 -7.45 -5.62
N ALA A 102 -10.03 -7.80 -4.88
CA ALA A 102 -9.63 -7.18 -3.64
C ALA A 102 -8.80 -5.92 -3.93
N GLU A 103 -8.34 -5.82 -5.18
CA GLU A 103 -7.32 -4.86 -5.53
C GLU A 103 -7.90 -3.48 -5.36
N HIS A 104 -7.00 -2.53 -5.03
CA HIS A 104 -7.31 -1.13 -4.91
C HIS A 104 -7.87 -0.64 -6.24
N PRO A 105 -8.87 0.27 -6.20
CA PRO A 105 -9.48 0.84 -7.39
C PRO A 105 -8.49 1.38 -8.41
N ALA A 106 -7.30 1.78 -7.95
CA ALA A 106 -6.31 2.28 -8.88
C ALA A 106 -5.96 1.17 -9.88
N VAL A 107 -6.05 -0.09 -9.42
CA VAL A 107 -5.76 -1.17 -10.34
C VAL A 107 -7.04 -1.49 -11.10
N ARG A 108 -8.13 -1.69 -10.32
CA ARG A 108 -9.37 -2.24 -10.84
C ARG A 108 -9.92 -1.32 -11.94
N SER A 109 -9.91 -0.03 -11.64
CA SER A 109 -10.43 0.97 -12.58
C SER A 109 -9.62 0.93 -13.88
N THR A 110 -8.30 0.84 -13.72
CA THR A 110 -7.39 0.78 -14.87
C THR A 110 -7.72 -0.44 -15.74
N CYS A 111 -7.93 -1.57 -15.06
CA CYS A 111 -8.26 -2.83 -15.70
C CYS A 111 -9.54 -2.69 -16.49
N ASN A 112 -10.54 -2.04 -15.90
CA ASN A 112 -11.83 -1.79 -16.52
C ASN A 112 -11.63 -1.04 -17.85
N PHE A 113 -10.82 0.02 -17.75
CA PHE A 113 -10.50 0.85 -18.90
C PHE A 113 -9.87 0.02 -20.02
N LEU A 114 -8.92 -0.83 -19.61
CA LEU A 114 -8.20 -1.72 -20.50
C LEU A 114 -9.18 -2.62 -21.25
N GLU A 115 -10.11 -3.19 -20.47
CA GLU A 115 -11.14 -4.08 -20.98
C GLU A 115 -11.97 -3.37 -22.05
N SER A 116 -12.35 -2.13 -21.73
CA SER A 116 -13.09 -1.27 -22.65
C SER A 116 -12.33 -1.12 -23.99
N LEU A 117 -11.00 -1.32 -24.02
CA LEU A 117 -10.23 -1.33 -25.27
C LEU A 117 -10.18 -2.72 -25.90
N GLY A 118 -10.67 -3.72 -25.18
CA GLY A 118 -10.73 -5.07 -25.72
C GLY A 118 -9.71 -6.01 -25.07
N VAL A 119 -9.11 -5.59 -23.96
CA VAL A 119 -8.36 -6.53 -23.13
C VAL A 119 -9.32 -7.41 -22.34
N GLU A 120 -8.99 -8.71 -22.30
CA GLU A 120 -9.65 -9.65 -21.39
C GLU A 120 -8.93 -9.63 -20.05
N VAL A 121 -9.71 -9.36 -18.99
CA VAL A 121 -9.23 -9.33 -17.62
C VAL A 121 -10.14 -10.21 -16.76
N THR A 122 -9.49 -11.13 -16.00
CA THR A 122 -10.21 -12.02 -15.11
C THR A 122 -9.86 -11.69 -13.65
N TYR A 123 -10.91 -11.35 -12.87
CA TYR A 123 -10.73 -10.84 -11.53
C TYR A 123 -11.03 -11.97 -10.56
N LEU A 124 -9.99 -12.53 -9.94
CA LEU A 124 -10.12 -13.66 -9.05
C LEU A 124 -11.02 -13.34 -7.88
N PRO A 125 -12.06 -14.18 -7.67
CA PRO A 125 -13.00 -14.01 -6.56
C PRO A 125 -12.38 -14.36 -5.21
N ILE A 126 -12.72 -13.56 -4.21
CA ILE A 126 -12.20 -13.81 -2.87
C ILE A 126 -12.95 -14.99 -2.26
N ASN A 127 -12.28 -15.77 -1.39
CA ASN A 127 -12.88 -16.94 -0.76
C ASN A 127 -13.40 -16.58 0.63
N GLU A 128 -13.89 -17.58 1.39
CA GLU A 128 -14.42 -17.36 2.73
C GLU A 128 -13.30 -17.02 3.70
N HIS A 129 -12.09 -17.52 3.45
CA HIS A 129 -10.92 -17.25 4.28
C HIS A 129 -10.49 -15.79 4.14
N GLY A 130 -11.02 -15.10 3.11
CA GLY A 130 -10.64 -13.73 2.79
C GLY A 130 -9.27 -13.66 2.10
N SER A 131 -9.04 -14.57 1.13
CA SER A 131 -7.77 -14.64 0.42
C SER A 131 -7.95 -15.14 -1.01
N ILE A 132 -6.85 -15.09 -1.76
CA ILE A 132 -6.80 -15.74 -3.06
C ILE A 132 -6.03 -17.03 -2.82
N THR A 133 -6.42 -18.09 -3.55
CA THR A 133 -5.93 -19.44 -3.25
C THR A 133 -4.43 -19.55 -3.51
N ALA A 134 -3.88 -18.68 -4.38
CA ALA A 134 -2.50 -18.87 -4.83
C ALA A 134 -2.43 -19.92 -5.92
N GLU A 135 -3.60 -20.29 -6.41
CA GLU A 135 -3.76 -21.36 -7.38
C GLU A 135 -4.76 -20.96 -8.45
N GLN A 136 -5.79 -20.19 -8.09
CA GLN A 136 -6.66 -19.52 -9.04
C GLN A 136 -5.89 -18.86 -10.18
N VAL A 137 -4.69 -18.36 -9.83
CA VAL A 137 -3.82 -17.69 -10.77
C VAL A 137 -3.37 -18.70 -11.81
N ARG A 138 -2.77 -19.79 -11.32
CA ARG A 138 -2.32 -20.91 -12.14
C ARG A 138 -3.47 -21.36 -13.05
N GLU A 139 -4.64 -21.53 -12.42
CA GLU A 139 -5.81 -22.04 -13.09
C GLU A 139 -6.22 -21.06 -14.18
N ALA A 140 -5.67 -19.83 -14.16
CA ALA A 140 -6.14 -18.84 -15.12
C ALA A 140 -5.04 -18.27 -16.01
N ILE A 141 -3.79 -18.71 -15.83
CA ILE A 141 -2.73 -18.24 -16.70
C ILE A 141 -2.88 -18.90 -18.08
N THR A 142 -3.48 -18.18 -19.03
CA THR A 142 -3.83 -18.70 -20.34
C THR A 142 -2.66 -18.54 -21.31
N GLU A 143 -1.42 -18.42 -20.82
CA GLU A 143 -0.29 -18.22 -21.73
C GLU A 143 -0.42 -16.87 -22.44
N LYS A 144 -1.62 -16.57 -22.94
CA LYS A 144 -1.91 -15.25 -23.49
C LYS A 144 -1.97 -14.22 -22.34
N THR A 145 -1.76 -14.68 -21.10
CA THR A 145 -1.67 -13.75 -19.97
C THR A 145 -0.42 -12.90 -20.14
N ALA A 146 -0.61 -11.57 -20.11
CA ALA A 146 0.53 -10.66 -20.15
C ALA A 146 1.04 -10.41 -18.73
N LEU A 147 0.12 -10.24 -17.78
CA LEU A 147 0.45 -9.77 -16.46
C LEU A 147 -0.48 -10.42 -15.46
N VAL A 148 0.12 -10.65 -14.27
CA VAL A 148 -0.54 -11.02 -13.03
C VAL A 148 -0.25 -9.96 -11.95
N SER A 149 -1.34 -9.46 -11.36
CA SER A 149 -1.27 -8.35 -10.42
C SER A 149 -2.02 -8.70 -9.14
N VAL A 150 -1.27 -8.91 -8.05
CA VAL A 150 -1.88 -9.14 -6.75
C VAL A 150 -1.28 -8.19 -5.71
N MET A 151 -2.17 -7.49 -5.00
CA MET A 151 -1.80 -6.70 -3.84
C MET A 151 -1.16 -7.55 -2.76
N TRP A 152 -0.12 -7.01 -2.14
CA TRP A 152 0.62 -7.75 -1.13
C TRP A 152 -0.22 -7.90 0.15
N ALA A 153 -0.86 -6.80 0.58
CA ALA A 153 -1.78 -6.84 1.69
C ALA A 153 -2.99 -5.96 1.35
N ASN A 154 -4.17 -6.37 1.85
CA ASN A 154 -5.45 -5.76 1.55
C ASN A 154 -5.61 -4.54 2.47
N ASN A 155 -6.15 -3.46 1.92
CA ASN A 155 -6.25 -2.20 2.64
C ASN A 155 -7.44 -2.25 3.59
N GLU A 156 -8.45 -3.07 3.26
CA GLU A 156 -9.70 -3.09 4.01
C GLU A 156 -9.60 -4.07 5.17
N THR A 157 -9.06 -5.28 4.91
CA THR A 157 -9.11 -6.34 5.90
C THR A 157 -7.78 -6.43 6.65
N GLY A 158 -6.68 -6.04 5.99
CA GLY A 158 -5.34 -6.20 6.54
C GLY A 158 -4.71 -7.52 6.11
N LEU A 159 -5.47 -8.31 5.34
CA LEU A 159 -5.10 -9.68 5.02
C LEU A 159 -3.94 -9.72 4.05
N ILE A 160 -2.95 -10.56 4.36
CA ILE A 160 -1.79 -10.74 3.48
C ILE A 160 -2.08 -11.83 2.45
N PHE A 161 -1.84 -11.56 1.17
CA PHE A 161 -2.02 -12.57 0.13
C PHE A 161 -0.72 -13.37 -0.10
N PRO A 162 -0.78 -14.60 -0.70
CA PRO A 162 0.40 -15.47 -0.84
C PRO A 162 1.29 -15.06 -2.00
N ILE A 163 1.88 -13.86 -1.87
CA ILE A 163 2.98 -13.43 -2.73
C ILE A 163 4.10 -14.42 -2.47
N GLU A 164 5.03 -14.51 -3.42
CA GLU A 164 6.13 -15.46 -3.26
C GLU A 164 5.73 -16.81 -3.84
N GLU A 165 4.51 -17.24 -3.51
CA GLU A 165 3.93 -18.44 -4.08
C GLU A 165 3.17 -18.07 -5.35
N ILE A 166 2.93 -16.78 -5.55
CA ILE A 166 2.37 -16.37 -6.82
C ILE A 166 3.51 -16.04 -7.76
N GLY A 167 4.70 -15.92 -7.17
CA GLY A 167 5.86 -15.43 -7.89
C GLY A 167 6.45 -16.57 -8.67
N ALA A 168 6.37 -17.74 -8.00
CA ALA A 168 6.78 -19.05 -8.48
C ALA A 168 5.90 -19.48 -9.65
N ILE A 169 4.58 -19.45 -9.39
CA ILE A 169 3.53 -19.68 -10.37
C ILE A 169 3.66 -18.68 -11.53
N CYS A 170 4.46 -17.62 -11.33
CA CYS A 170 4.65 -16.63 -12.37
C CYS A 170 5.94 -16.90 -13.13
N LYS A 171 6.93 -17.39 -12.39
CA LYS A 171 8.24 -17.63 -12.97
C LYS A 171 8.12 -18.91 -13.83
N GLU A 172 7.40 -19.89 -13.27
CA GLU A 172 7.18 -21.18 -13.91
C GLU A 172 6.43 -20.97 -15.22
N LYS A 173 5.46 -20.05 -15.21
CA LYS A 173 4.55 -19.85 -16.32
C LYS A 173 5.12 -18.84 -17.33
N GLY A 174 6.21 -18.16 -16.98
CA GLY A 174 6.80 -17.10 -17.80
C GLY A 174 5.93 -15.84 -17.93
N VAL A 175 5.25 -15.43 -16.87
CA VAL A 175 4.37 -14.27 -16.91
C VAL A 175 4.83 -13.19 -15.93
N LEU A 176 4.72 -11.95 -16.42
CA LEU A 176 5.02 -10.74 -15.67
C LEU A 176 4.17 -10.66 -14.41
N PHE A 177 4.86 -10.37 -13.30
CA PHE A 177 4.24 -10.32 -11.98
C PHE A 177 4.41 -8.95 -11.32
N HIS A 178 3.27 -8.39 -10.91
CA HIS A 178 3.20 -7.09 -10.27
C HIS A 178 2.40 -7.18 -8.96
N THR A 179 3.03 -6.63 -7.91
CA THR A 179 2.44 -6.57 -6.58
C THR A 179 2.35 -5.13 -6.10
N ASP A 180 1.11 -4.65 -5.92
CA ASP A 180 0.88 -3.39 -5.23
C ASP A 180 1.10 -3.65 -3.75
N ALA A 181 2.13 -2.99 -3.18
CA ALA A 181 2.65 -3.34 -1.86
C ALA A 181 2.40 -2.20 -0.87
N VAL A 182 1.43 -1.34 -1.22
CA VAL A 182 1.23 -0.06 -0.58
C VAL A 182 1.08 -0.29 0.91
N GLN A 183 0.23 -1.25 1.30
CA GLN A 183 -0.16 -1.54 2.68
C GLN A 183 0.79 -2.56 3.33
N ALA A 184 1.83 -3.03 2.59
CA ALA A 184 2.86 -3.89 3.16
C ALA A 184 4.02 -3.11 3.80
N ILE A 185 4.40 -1.95 3.24
CA ILE A 185 5.60 -1.26 3.71
C ILE A 185 5.39 -0.82 5.15
N GLY A 186 6.36 -1.15 6.00
CA GLY A 186 6.40 -0.73 7.39
C GLY A 186 5.57 -1.67 8.27
N LYS A 187 4.82 -2.58 7.63
CA LYS A 187 3.86 -3.45 8.30
C LYS A 187 4.46 -4.85 8.47
N ILE A 188 5.02 -5.40 7.37
CA ILE A 188 5.67 -6.71 7.32
C ILE A 188 6.91 -6.53 6.47
N PRO A 189 7.94 -7.42 6.55
CA PRO A 189 9.05 -7.39 5.59
C PRO A 189 8.57 -7.47 4.13
N VAL A 190 9.25 -6.72 3.26
CA VAL A 190 8.99 -6.78 1.83
C VAL A 190 10.29 -7.11 1.12
N ASP A 191 10.26 -8.18 0.31
CA ASP A 191 11.46 -8.59 -0.41
C ASP A 191 11.11 -8.90 -1.85
N VAL A 192 11.55 -8.01 -2.76
CA VAL A 192 11.20 -8.17 -4.17
C VAL A 192 11.89 -9.39 -4.76
N LEU A 193 13.03 -9.79 -4.16
CA LEU A 193 13.75 -10.97 -4.64
C LEU A 193 12.90 -12.21 -4.37
N LYS A 194 12.55 -12.41 -3.08
CA LYS A 194 11.74 -13.53 -2.61
C LYS A 194 10.39 -13.54 -3.31
N ALA A 195 9.88 -12.35 -3.66
CA ALA A 195 8.58 -12.18 -4.29
C ALA A 195 8.62 -12.51 -5.78
N ASN A 196 9.82 -12.60 -6.36
CA ASN A 196 9.99 -12.63 -7.80
C ASN A 196 9.04 -11.62 -8.44
N ALA A 197 9.13 -10.38 -7.99
CA ALA A 197 8.29 -9.37 -8.60
C ALA A 197 9.06 -8.76 -9.78
N ASP A 198 8.31 -8.47 -10.83
CA ASP A 198 8.84 -7.66 -11.90
C ASP A 198 8.55 -6.20 -11.56
N PHE A 199 7.38 -5.97 -10.97
CA PHE A 199 6.89 -4.66 -10.63
C PHE A 199 6.37 -4.67 -9.20
N LEU A 200 6.79 -3.67 -8.41
CA LEU A 200 6.21 -3.39 -7.12
C LEU A 200 5.89 -1.91 -7.00
N SER A 201 4.70 -1.64 -6.46
CA SER A 201 4.18 -0.33 -6.14
C SER A 201 4.26 -0.02 -4.64
N PHE A 202 4.53 1.24 -4.31
CA PHE A 202 4.29 1.77 -2.96
C PHE A 202 4.05 3.27 -2.90
N SER A 203 3.46 3.71 -1.77
CA SER A 203 3.11 5.10 -1.56
C SER A 203 3.57 5.51 -0.16
N ALA A 204 4.21 6.68 -0.10
CA ALA A 204 4.92 7.18 1.07
C ALA A 204 3.99 7.43 2.26
N HIS A 205 2.82 7.99 1.97
CA HIS A 205 1.91 8.47 3.00
C HIS A 205 1.31 7.29 3.78
N1 LLP A 206 -3.05 0.80 -3.45
C2 LLP A 206 -3.27 0.45 -2.19
C2' LLP A 206 -3.27 -1.00 -1.83
C3 LLP A 206 -3.53 1.41 -1.20
O3 LLP A 206 -3.74 1.06 0.11
C4 LLP A 206 -3.56 2.78 -1.54
C4' LLP A 206 -3.77 3.72 -0.43
C5 LLP A 206 -3.31 3.12 -2.88
C6 LLP A 206 -3.08 2.11 -3.78
C5' LLP A 206 -3.36 4.52 -3.42
OP4 LLP A 206 -2.25 5.35 -2.99
P LLP A 206 -2.22 6.83 -3.57
OP1 LLP A 206 -3.61 7.46 -3.30
OP2 LLP A 206 -1.97 6.76 -5.05
OP3 LLP A 206 -1.06 7.46 -2.82
N LLP A 206 1.68 6.05 3.42
CA LLP A 206 1.15 4.93 4.18
CB LLP A 206 0.63 3.83 3.25
CG LLP A 206 -0.86 3.85 2.91
CD LLP A 206 -1.46 4.88 1.97
CE LLP A 206 -2.92 4.70 1.59
NZ LLP A 206 -3.17 3.55 0.71
C LLP A 206 2.18 4.52 5.24
O LLP A 206 1.90 3.62 6.04
N PHE A 207 3.35 5.18 5.24
CA PHE A 207 4.40 4.87 6.20
C PHE A 207 5.15 6.14 6.61
N HIS A 208 4.39 7.16 6.94
CA HIS A 208 4.89 8.35 7.61
C HIS A 208 5.76 9.23 6.71
N GLY A 209 5.62 9.04 5.39
CA GLY A 209 6.09 10.03 4.42
C GLY A 209 4.98 10.98 3.98
N PRO A 210 5.30 11.99 3.16
CA PRO A 210 4.26 12.90 2.62
C PRO A 210 3.35 12.20 1.60
N LYS A 211 2.11 12.69 1.49
CA LYS A 211 1.23 12.37 0.36
C LYS A 211 1.85 12.95 -0.91
N GLY A 212 1.71 12.25 -2.04
CA GLY A 212 2.13 12.94 -3.26
C GLY A 212 3.51 12.46 -3.72
N ILE A 213 3.86 11.23 -3.35
CA ILE A 213 5.07 10.61 -3.80
C ILE A 213 4.92 9.11 -3.62
N GLY A 214 5.54 8.40 -4.57
CA GLY A 214 5.58 6.95 -4.53
C GLY A 214 6.76 6.37 -5.29
N GLY A 215 6.75 5.04 -5.30
CA GLY A 215 7.72 4.21 -6.00
C GLY A 215 7.08 3.16 -6.90
N LEU A 216 7.78 2.91 -8.00
CA LEU A 216 7.64 1.64 -8.71
C LEU A 216 9.00 0.96 -8.81
N TYR A 217 9.15 -0.22 -8.18
CA TYR A 217 10.26 -1.11 -8.46
C TYR A 217 10.07 -1.72 -9.84
N ILE A 218 11.12 -1.62 -10.67
CA ILE A 218 11.18 -2.36 -11.93
C ILE A 218 12.45 -3.23 -12.00
N ARG A 219 12.23 -4.52 -12.22
CA ARG A 219 13.32 -5.49 -12.30
C ARG A 219 14.26 -5.21 -13.48
N SER A 220 15.54 -5.49 -13.23
CA SER A 220 16.55 -5.42 -14.27
C SER A 220 16.09 -6.08 -15.56
N GLY A 221 16.30 -5.37 -16.69
CA GLY A 221 16.07 -5.89 -18.03
C GLY A 221 14.60 -5.92 -18.44
N VAL A 222 13.70 -5.92 -17.44
CA VAL A 222 12.29 -5.70 -17.68
C VAL A 222 12.08 -4.27 -18.17
N GLY A 223 11.26 -4.18 -19.22
CA GLY A 223 10.96 -2.95 -19.93
C GLY A 223 9.49 -2.55 -19.68
N LEU A 224 9.26 -1.27 -19.62
CA LEU A 224 7.91 -0.75 -19.46
C LEU A 224 7.88 0.61 -20.11
N THR A 225 7.02 0.77 -21.12
CA THR A 225 6.86 2.04 -21.82
C THR A 225 6.45 3.11 -20.84
N PRO A 226 7.21 4.23 -20.83
CA PRO A 226 6.90 5.37 -19.98
C PRO A 226 5.42 5.72 -19.96
N LEU A 227 4.94 6.05 -18.75
CA LEU A 227 3.65 6.68 -18.63
C LEU A 227 3.85 8.19 -18.72
N PHE A 228 5.01 8.68 -18.26
CA PHE A 228 5.34 10.08 -18.47
C PHE A 228 6.49 10.16 -19.49
N HIS A 229 6.17 10.57 -20.71
CA HIS A 229 7.21 10.70 -21.71
C HIS A 229 7.81 12.08 -21.58
N GLY A 230 9.09 12.20 -21.95
CA GLY A 230 9.83 13.45 -21.86
C GLY A 230 11.30 13.08 -21.76
N GLY A 231 11.50 11.86 -21.24
CA GLY A 231 12.77 11.17 -21.03
C GLY A 231 13.91 12.07 -20.59
N GLU A 232 13.75 12.76 -19.47
CA GLU A 232 14.86 13.58 -19.00
C GLU A 232 15.30 13.08 -17.63
N HIS A 233 14.36 12.51 -16.88
CA HIS A 233 14.63 12.12 -15.51
C HIS A 233 14.41 10.62 -15.37
N MET A 234 15.01 10.08 -14.30
CA MET A 234 14.78 8.72 -13.87
C MET A 234 15.12 7.75 -14.98
N ASN A 235 16.33 7.91 -15.56
CA ASN A 235 16.87 7.09 -16.64
C ASN A 235 15.87 7.01 -17.81
N GLY A 236 15.20 8.13 -18.12
CA GLY A 236 14.24 8.18 -19.21
C GLY A 236 12.87 7.60 -18.91
N ARG A 237 12.74 6.85 -17.81
CA ARG A 237 11.54 6.07 -17.53
C ARG A 237 10.35 6.89 -17.05
N ARG A 238 10.59 8.09 -16.49
CA ARG A 238 9.54 8.83 -15.82
C ARG A 238 9.93 10.30 -15.74
N SER A 239 9.43 11.12 -16.67
CA SER A 239 9.91 12.48 -16.87
C SER A 239 9.19 13.44 -15.92
N GLY A 240 9.74 14.65 -15.74
CA GLY A 240 9.26 15.59 -14.74
C GLY A 240 10.31 15.88 -13.67
N THR A 241 10.52 17.18 -13.42
CA THR A 241 11.47 17.66 -12.44
C THR A 241 11.28 16.93 -11.12
N LEU A 242 12.40 16.46 -10.54
CA LEU A 242 12.34 15.66 -9.32
C LEU A 242 11.72 16.42 -8.15
N ASN A 243 10.87 15.72 -7.38
CA ASN A 243 10.31 16.28 -6.17
C ASN A 243 11.32 16.02 -5.04
N VAL A 244 12.28 16.97 -4.90
CA VAL A 244 13.50 16.67 -4.16
C VAL A 244 13.14 16.43 -2.70
N PRO A 245 12.35 17.38 -2.14
CA PRO A 245 11.97 17.33 -0.73
C PRO A 245 11.30 16.01 -0.38
N TYR A 246 10.31 15.71 -1.25
CA TYR A 246 9.49 14.52 -1.04
C TYR A 246 10.38 13.28 -1.16
N ILE A 247 11.30 13.28 -2.12
CA ILE A 247 12.20 12.16 -2.33
C ILE A 247 13.00 11.86 -1.05
N VAL A 248 13.56 12.97 -0.52
CA VAL A 248 14.39 12.86 0.67
C VAL A 248 13.57 12.27 1.85
N GLY A 249 12.38 12.88 1.97
CA GLY A 249 11.45 12.53 3.05
C GLY A 249 11.07 11.07 2.95
N MET A 250 10.76 10.65 1.70
CA MET A 250 10.31 9.30 1.42
C MET A 250 11.39 8.32 1.81
N GLY A 251 12.64 8.65 1.47
CA GLY A 251 13.77 7.79 1.79
C GLY A 251 13.85 7.53 3.30
N GLU A 252 13.75 8.68 4.01
CA GLU A 252 13.85 8.66 5.46
C GLU A 252 12.74 7.78 6.05
N ALA A 253 11.53 7.97 5.52
CA ALA A 253 10.33 7.29 5.95
C ALA A 253 10.51 5.81 5.80
N MET A 254 11.02 5.42 4.62
CA MET A 254 11.22 3.99 4.29
C MET A 254 12.17 3.38 5.32
N LYS A 255 13.26 4.12 5.60
CA LYS A 255 14.28 3.66 6.53
C LYS A 255 13.64 3.39 7.91
N LEU A 256 12.85 4.40 8.32
CA LEU A 256 12.19 4.36 9.62
C LEU A 256 11.25 3.17 9.70
N ALA A 257 10.50 2.96 8.62
CA ALA A 257 9.53 1.88 8.49
C ALA A 257 10.22 0.55 8.70
N VAL A 258 11.38 0.40 8.00
CA VAL A 258 12.14 -0.85 8.08
C VAL A 258 12.60 -1.08 9.52
N GLU A 259 13.09 0.00 10.14
CA GLU A 259 13.64 -0.04 11.48
C GLU A 259 12.56 -0.48 12.45
N HIS A 260 11.31 -0.16 12.17
CA HIS A 260 10.30 -0.33 13.19
C HIS A 260 9.53 -1.62 12.95
N LEU A 261 10.12 -2.57 12.22
CA LEU A 261 9.38 -3.76 11.82
C LEU A 261 9.06 -4.63 13.03
N ASP A 262 10.11 -4.83 13.86
CA ASP A 262 9.97 -5.58 15.10
C ASP A 262 8.93 -4.91 16.00
N TYR A 263 9.05 -3.58 16.09
CA TYR A 263 8.15 -2.79 16.93
C TYR A 263 6.70 -2.96 16.46
N GLU A 264 6.53 -2.91 15.14
CA GLU A 264 5.23 -3.04 14.49
C GLU A 264 4.62 -4.40 14.87
N LYS A 265 5.46 -5.44 14.76
CA LYS A 265 5.05 -6.80 15.06
C LYS A 265 4.60 -6.92 16.51
N GLU A 266 5.52 -6.51 17.41
CA GLU A 266 5.57 -6.86 18.82
C GLU A 266 4.65 -5.96 19.64
N VAL A 267 4.55 -4.68 19.23
CA VAL A 267 4.00 -3.68 20.13
C VAL A 267 2.70 -3.16 19.56
N VAL A 268 2.78 -2.69 18.32
CA VAL A 268 1.58 -2.25 17.58
C VAL A 268 0.59 -3.40 17.46
N GLY A 269 1.15 -4.57 17.09
CA GLY A 269 0.36 -5.79 16.92
C GLY A 269 -0.35 -6.13 18.23
N LYS A 270 0.41 -6.04 19.33
CA LYS A 270 -0.09 -6.34 20.67
C LYS A 270 -1.27 -5.43 20.99
N LEU A 271 -1.08 -4.14 20.69
CA LEU A 271 -2.09 -3.11 20.93
C LEU A 271 -3.38 -3.46 20.20
N ARG A 272 -3.19 -3.84 18.92
CA ARG A 272 -4.29 -4.19 18.03
C ARG A 272 -5.07 -5.36 18.63
N ASP A 273 -4.32 -6.36 19.08
CA ASP A 273 -4.89 -7.57 19.67
C ASP A 273 -5.73 -7.22 20.89
N LYS A 274 -5.17 -6.34 21.72
CA LYS A 274 -5.81 -5.88 22.95
C LYS A 274 -7.14 -5.23 22.61
N LEU A 275 -7.11 -4.37 21.60
CA LEU A 275 -8.30 -3.66 21.14
C LEU A 275 -9.38 -4.66 20.72
N GLU A 276 -8.93 -5.61 19.91
CA GLU A 276 -9.78 -6.55 19.22
C GLU A 276 -10.51 -7.40 20.24
N GLU A 277 -9.73 -7.94 21.18
CA GLU A 277 -10.22 -8.80 22.25
C GLU A 277 -11.25 -8.04 23.06
N ALA A 278 -10.92 -6.77 23.39
CA ALA A 278 -11.83 -5.95 24.18
C ALA A 278 -13.18 -5.80 23.47
N LEU A 279 -13.09 -5.54 22.16
CA LEU A 279 -14.27 -5.30 21.35
C LEU A 279 -15.13 -6.57 21.34
N LEU A 280 -14.47 -7.74 21.20
CA LEU A 280 -15.21 -8.93 20.82
C LEU A 280 -16.09 -9.35 22.00
N LYS A 281 -15.79 -8.84 23.21
CA LYS A 281 -16.55 -9.12 24.42
C LYS A 281 -17.77 -8.18 24.52
N ILE A 282 -18.54 -8.14 23.43
CA ILE A 282 -19.71 -7.28 23.25
C ILE A 282 -20.65 -8.02 22.32
N PRO A 283 -21.99 -7.87 22.46
CA PRO A 283 -22.94 -8.60 21.61
C PRO A 283 -22.74 -8.57 20.09
N ASP A 284 -22.65 -9.77 19.50
CA ASP A 284 -22.64 -10.05 18.06
C ASP A 284 -21.72 -9.11 17.28
N VAL A 285 -20.48 -8.97 17.78
CA VAL A 285 -19.43 -8.22 17.08
C VAL A 285 -18.24 -9.14 16.79
N MET A 286 -17.99 -9.39 15.50
CA MET A 286 -16.99 -10.33 15.07
C MET A 286 -16.15 -9.72 13.95
N VAL A 287 -14.87 -10.04 14.03
CA VAL A 287 -13.84 -9.67 13.08
C VAL A 287 -14.14 -10.31 11.73
N VAL A 288 -13.99 -9.48 10.69
CA VAL A 288 -14.24 -9.87 9.31
C VAL A 288 -12.94 -10.36 8.69
N GLY A 289 -12.88 -11.68 8.49
CA GLY A 289 -11.81 -12.36 7.79
C GLY A 289 -10.93 -13.15 8.76
N ASP A 290 -9.95 -13.86 8.17
CA ASP A 290 -8.89 -14.55 8.89
C ASP A 290 -8.17 -13.58 9.84
N ARG A 291 -7.70 -14.12 10.97
CA ARG A 291 -7.10 -13.30 12.00
C ARG A 291 -5.63 -13.66 12.17
N ILE A 292 -5.09 -14.46 11.24
CA ILE A 292 -3.73 -14.97 11.41
C ILE A 292 -2.80 -14.42 10.34
N HIS A 293 -3.29 -14.31 9.09
CA HIS A 293 -2.48 -13.79 7.99
C HIS A 293 -2.84 -12.33 7.73
N ARG A 294 -2.68 -11.50 8.77
CA ARG A 294 -2.97 -10.08 8.71
C ARG A 294 -1.77 -9.27 9.20
N VAL A 295 -1.48 -8.16 8.51
CA VAL A 295 -0.54 -7.17 9.00
C VAL A 295 -0.88 -6.78 10.44
N PRO A 296 0.12 -6.45 11.28
CA PRO A 296 -0.11 -6.23 12.70
C PRO A 296 -1.04 -5.09 13.12
N ASN A 297 -1.44 -4.20 12.19
CA ASN A 297 -1.96 -2.91 12.62
C ASN A 297 -3.46 -2.76 12.42
N THR A 298 -4.10 -3.76 11.77
CA THR A 298 -5.44 -3.61 11.25
C THR A 298 -6.41 -4.62 11.88
N THR A 299 -7.56 -4.10 12.26
CA THR A 299 -8.73 -4.87 12.64
C THR A 299 -9.95 -4.27 11.96
N LEU A 300 -10.75 -5.19 11.38
CA LEU A 300 -12.04 -4.86 10.78
C LEU A 300 -13.16 -5.69 11.41
N VAL A 301 -14.15 -4.98 12.01
CA VAL A 301 -15.07 -5.52 12.98
C VAL A 301 -16.45 -5.01 12.59
N SER A 302 -17.45 -5.84 12.86
CA SER A 302 -18.82 -5.62 12.43
C SER A 302 -19.78 -5.78 13.61
N VAL A 303 -20.63 -4.76 13.77
CA VAL A 303 -21.61 -4.72 14.85
C VAL A 303 -22.98 -5.14 14.33
N ARG A 304 -23.57 -6.12 15.03
CA ARG A 304 -24.86 -6.69 14.68
C ARG A 304 -25.85 -5.55 14.40
N GLY A 305 -26.40 -5.55 13.18
CA GLY A 305 -27.47 -4.63 12.81
C GLY A 305 -26.96 -3.21 12.61
N ILE A 306 -26.68 -2.52 13.73
CA ILE A 306 -26.14 -1.16 13.79
C ILE A 306 -25.02 -1.02 12.75
N GLU A 307 -25.24 -0.18 11.73
CA GLU A 307 -24.34 -0.07 10.58
C GLU A 307 -23.06 0.65 10.95
N GLY A 308 -22.10 0.63 10.00
CA GLY A 308 -20.73 1.02 10.24
C GLY A 308 -20.61 2.54 10.22
N GLU A 309 -21.30 3.16 9.26
CA GLU A 309 -21.19 4.60 9.03
C GLU A 309 -21.58 5.37 10.29
N ALA A 310 -22.70 4.94 10.88
CA ALA A 310 -23.24 5.56 12.09
C ALA A 310 -22.20 5.50 13.21
N MET A 311 -21.62 4.31 13.36
CA MET A 311 -20.61 4.04 14.38
C MET A 311 -19.42 4.99 14.20
N LEU A 312 -18.99 5.10 12.94
CA LEU A 312 -17.87 5.95 12.57
C LEU A 312 -18.14 7.40 12.97
N TRP A 313 -19.36 7.84 12.65
CA TRP A 313 -19.81 9.19 12.95
C TRP A 313 -19.73 9.47 14.45
N ASP A 314 -20.23 8.48 15.21
CA ASP A 314 -20.25 8.54 16.66
C ASP A 314 -18.83 8.70 17.20
N LEU A 315 -17.94 7.87 16.65
CA LEU A 315 -16.53 7.86 17.04
C LEU A 315 -15.91 9.24 16.81
N ASN A 316 -16.21 9.79 15.62
CA ASN A 316 -15.71 11.10 15.21
C ASN A 316 -16.15 12.16 16.21
N ARG A 317 -17.43 12.09 16.59
CA ARG A 317 -18.00 13.00 17.58
C ARG A 317 -17.20 13.01 18.88
N SER A 318 -16.63 11.86 19.27
CA SER A 318 -15.76 11.75 20.43
C SER A 318 -14.27 11.85 20.06
N ASN A 319 -13.93 12.39 18.88
CA ASN A 319 -12.55 12.64 18.50
C ASN A 319 -11.75 11.36 18.18
N ILE A 320 -12.43 10.35 17.65
CA ILE A 320 -11.70 9.15 17.31
C ILE A 320 -11.93 8.84 15.83
N ALA A 321 -10.85 8.71 15.07
CA ALA A 321 -11.00 8.64 13.63
C ALA A 321 -10.70 7.22 13.13
N ALA A 322 -11.66 6.65 12.40
CA ALA A 322 -11.55 5.33 11.82
C ALA A 322 -12.30 5.41 10.51
N SER A 323 -12.26 4.29 9.77
CA SER A 323 -12.83 4.16 8.44
C SER A 323 -13.78 2.96 8.37
N THR A 324 -14.56 2.95 7.30
CA THR A 324 -15.35 1.79 6.89
C THR A 324 -14.45 0.76 6.19
N GLY A 325 -15.04 -0.38 5.95
CA GLY A 325 -14.49 -1.46 5.14
C GLY A 325 -15.68 -2.31 4.71
N SER A 326 -15.85 -2.46 3.39
CA SER A 326 -16.92 -3.31 2.88
C SER A 326 -16.75 -4.74 3.40
N ALA A 327 -17.86 -5.35 3.83
CA ALA A 327 -17.83 -6.70 4.40
C ALA A 327 -19.20 -7.34 4.25
N CYS A 328 -19.24 -8.47 3.52
CA CYS A 328 -20.47 -9.21 3.26
C CYS A 328 -20.09 -10.57 2.64
N HIS A 350 -24.42 -4.15 4.92
CA HIS A 350 -23.76 -3.71 6.17
C HIS A 350 -22.27 -3.58 5.92
N THR A 351 -21.71 -2.35 6.04
CA THR A 351 -20.30 -2.13 6.01
C THR A 351 -19.78 -2.41 7.41
N ALA A 352 -18.49 -2.76 7.48
CA ALA A 352 -17.78 -2.99 8.73
C ALA A 352 -16.95 -1.78 9.17
N ILE A 353 -16.27 -1.91 10.32
CA ILE A 353 -15.53 -0.80 10.92
C ILE A 353 -14.05 -1.09 10.91
N ARG A 354 -13.26 -0.23 10.24
CA ARG A 354 -11.84 -0.48 10.03
C ARG A 354 -11.01 0.44 10.92
N LEU A 355 -10.24 -0.22 11.83
CA LEU A 355 -9.40 0.45 12.80
C LEU A 355 -7.93 0.04 12.60
N SER A 356 -7.09 1.02 12.29
CA SER A 356 -5.76 0.75 11.77
C SER A 356 -4.75 1.61 12.51
N LEU A 357 -3.84 0.95 13.27
CA LEU A 357 -3.03 1.62 14.27
C LEU A 357 -1.76 2.05 13.58
N SER A 358 -0.86 2.65 14.35
CA SER A 358 0.47 3.00 13.88
C SER A 358 1.38 2.99 15.08
N ARG A 359 2.65 3.25 14.80
CA ARG A 359 3.69 3.40 15.80
C ARG A 359 3.33 4.48 16.84
N PHE A 360 2.33 5.33 16.57
CA PHE A 360 2.16 6.53 17.37
C PHE A 360 1.02 6.43 18.36
N ASN A 361 0.16 5.41 18.21
CA ASN A 361 -0.88 5.10 19.17
C ASN A 361 -0.24 4.58 20.46
N THR A 362 -0.95 4.71 21.60
CA THR A 362 -0.46 4.25 22.90
C THR A 362 -1.50 3.31 23.52
N GLU A 363 -1.08 2.58 24.57
CA GLU A 363 -1.99 1.69 25.28
C GLU A 363 -3.17 2.48 25.85
N ALA A 364 -2.87 3.67 26.40
CA ALA A 364 -3.86 4.53 26.99
C ALA A 364 -4.97 4.85 25.98
N GLU A 365 -4.50 5.23 24.77
CA GLU A 365 -5.37 5.60 23.67
C GLU A 365 -6.29 4.44 23.34
N ILE A 366 -5.70 3.25 23.26
CA ILE A 366 -6.42 2.02 22.93
C ILE A 366 -7.53 1.77 23.95
N ASP A 367 -7.15 1.93 25.23
CA ASP A 367 -8.07 1.75 26.34
C ASP A 367 -9.28 2.67 26.19
N LYS A 368 -8.94 3.94 25.90
CA LYS A 368 -9.95 4.99 25.76
C LYS A 368 -10.91 4.64 24.64
N THR A 369 -10.34 4.18 23.52
CA THR A 369 -11.08 3.79 22.33
C THR A 369 -12.07 2.69 22.67
N ILE A 370 -11.57 1.69 23.41
CA ILE A 370 -12.36 0.54 23.82
C ILE A 370 -13.59 1.02 24.60
N GLU A 371 -13.29 1.91 25.56
CA GLU A 371 -14.32 2.43 26.45
C GLU A 371 -15.42 3.13 25.62
N VAL A 372 -14.90 4.01 24.76
CA VAL A 372 -15.71 4.90 23.94
C VAL A 372 -16.53 4.04 23.00
N PHE A 373 -15.87 3.02 22.41
CA PHE A 373 -16.51 2.15 21.43
C PHE A 373 -17.72 1.47 22.10
N SER A 374 -17.45 0.96 23.31
CA SER A 374 -18.49 0.21 24.03
C SER A 374 -19.68 1.12 24.32
N GLN A 375 -19.34 2.33 24.79
CA GLN A 375 -20.37 3.30 25.17
C GLN A 375 -21.21 3.66 23.96
N ALA A 376 -20.52 3.88 22.83
CA ALA A 376 -21.16 4.28 21.59
C ALA A 376 -22.13 3.18 21.15
N ALA A 377 -21.67 1.93 21.25
CA ALA A 377 -22.43 0.75 20.88
C ALA A 377 -23.73 0.71 21.70
N VAL A 378 -23.54 0.92 23.01
CA VAL A 378 -24.67 0.84 23.92
C VAL A 378 -25.68 1.93 23.58
N ARG A 379 -25.19 3.13 23.28
CA ARG A 379 -26.03 4.26 22.91
C ARG A 379 -26.86 3.92 21.67
N LEU A 380 -26.17 3.35 20.70
CA LEU A 380 -26.81 2.99 19.44
C LEU A 380 -27.80 1.86 19.70
N ARG A 381 -27.40 0.92 20.57
CA ARG A 381 -28.22 -0.19 21.03
C ARG A 381 -29.50 0.36 21.66
N ASN A 382 -29.32 1.34 22.53
CA ASN A 382 -30.43 1.99 23.23
C ASN A 382 -31.42 2.58 22.23
N ILE A 383 -30.86 3.28 21.24
CA ILE A 383 -31.63 3.93 20.18
C ILE A 383 -32.48 2.88 19.45
N SER A 384 -31.83 1.76 19.12
CA SER A 384 -32.48 0.62 18.48
C SER A 384 -33.69 0.14 19.31
C1 IPA B . 16.94 6.01 -11.43
C2 IPA B . 16.97 4.84 -10.44
C3 IPA B . 17.14 5.15 -8.99
O2 IPA B . 15.78 4.02 -10.53
CL CL C . 1.49 4.96 -21.68
#